data_7AN1
#
_entry.id   7AN1
#
_cell.length_a   74.280
_cell.length_b   87.850
_cell.length_c   103.310
_cell.angle_alpha   90.000
_cell.angle_beta   90.000
_cell.angle_gamma   90.000
#
_symmetry.space_group_name_H-M   'P 21 21 21'
#
loop_
_entity.id
_entity.type
_entity.pdbx_description
1 polymer Arylsulfatase
2 branched beta-D-galactopyranose-(1-4)-2-acetamido-2-deoxy-beta-D-glucopyranose
3 non-polymer 'CALCIUM ION'
4 water water
#
_entity_poly.entity_id   1
_entity_poly.type   'polypeptide(L)'
_entity_poly.pdbx_seq_one_letter_code
;MGSSHHHHHHSSGLVPRGSHMASQKNNTKPNILFILCDDMGYGDLGCYGQPFIRTPHLDAMASEGMRFTQAYAGSPVSAP
SRASFMTGQHTGHCEVRGNKEYWTNAPTVMYGNNKEYAVVGQHPYDPDHVILPEIMKENGYTTGMFGKWAGGYEGSCSTP
DKRGIDEYFGYICQFQAHLYYPNFLNRYSKALGDTGVVRVIMDENIKYPMYGADYQKRPQYSADMIHQKAMEWLDEQDGK
QPFFGVLTYTLPHAELVQPEDSILNEYKEKFNPDKSYKGSEGSRYNAITHVHAQFAGMITRLDYYVGEVLKKLKEKGLDE
NTLVIFSSDNGPHEEGGADPTFFGRDGKLRGLKRQCYEGGIRIPFIARWPGRVPAGTVNDHICAFYDLMPTFCEIIGEKN
YVKKYANKDKEVDYFDGISFAPTLLGKKKQKEHDFLYWEFNETNQIGVRMGDWKMVVKKGIPFLYNLATDIHEDNNVADQ
HPEIVEKMKAVIFAQHTPNPHFSVTLPEKK
;
_entity_poly.pdbx_strand_id   AAA
#
loop_
_chem_comp.id
_chem_comp.type
_chem_comp.name
_chem_comp.formula
CA non-polymer 'CALCIUM ION' 'Ca 2'
GAL D-saccharide, beta linking beta-D-galactopyranose 'C6 H12 O6'
NAG D-saccharide, beta linking 2-acetamido-2-deoxy-beta-D-glucopyranose 'C8 H15 N O6'
#
# COMPACT_ATOMS: atom_id res chain seq x y z
N ASN A 27 6.84 -11.94 -22.47
CA ASN A 27 6.75 -10.44 -22.44
C ASN A 27 5.66 -10.01 -23.43
N THR A 28 6.01 -9.61 -24.66
CA THR A 28 5.12 -8.96 -25.66
C THR A 28 4.07 -8.13 -24.90
N LYS A 29 4.53 -7.21 -24.04
N LYS A 29 4.54 -7.23 -24.03
CA LYS A 29 3.69 -6.45 -23.08
CA LYS A 29 3.74 -6.43 -23.05
C LYS A 29 3.03 -7.46 -22.15
C LYS A 29 3.01 -7.38 -22.11
N PRO A 30 3.64 -7.74 -20.97
CA PRO A 30 3.04 -8.63 -19.99
C PRO A 30 1.92 -7.89 -19.23
N ASN A 31 0.96 -8.65 -18.74
CA ASN A 31 -0.04 -8.10 -17.80
C ASN A 31 0.67 -7.90 -16.46
N ILE A 32 0.23 -6.92 -15.69
CA ILE A 32 0.78 -6.66 -14.34
C ILE A 32 -0.37 -6.48 -13.36
N LEU A 33 -0.38 -7.27 -12.31
CA LEU A 33 -1.25 -7.04 -11.14
C LEU A 33 -0.40 -6.71 -9.92
N PHE A 34 -0.72 -5.60 -9.30
CA PHE A 34 -0.07 -5.14 -8.05
C PHE A 34 -1.12 -5.19 -6.95
N ILE A 35 -1.01 -6.21 -6.09
CA ILE A 35 -1.90 -6.39 -4.93
C ILE A 35 -1.21 -5.68 -3.75
N LEU A 36 -1.66 -4.47 -3.42
CA LEU A 36 -1.02 -3.65 -2.38
C LEU A 36 -2.01 -3.53 -1.22
N CYS A 37 -1.77 -4.27 -0.15
CA CYS A 37 -2.68 -4.26 1.02
C CYS A 37 -2.28 -3.12 1.94
N ASP A 38 -2.97 -3.01 3.07
CA ASP A 38 -3.05 -1.78 3.88
C ASP A 38 -2.65 -2.09 5.32
N ASP A 39 -1.48 -1.61 5.77
CA ASP A 39 -1.03 -1.72 7.19
C ASP A 39 -0.71 -3.18 7.58
N MET A 40 -0.10 -3.93 6.66
CA MET A 40 0.45 -5.28 6.95
C MET A 40 1.96 -5.17 7.18
N GLY A 41 2.42 -5.65 8.35
CA GLY A 41 3.84 -5.64 8.68
C GLY A 41 4.65 -6.69 7.95
N TYR A 42 5.96 -6.44 7.94
CA TYR A 42 6.98 -7.38 7.45
C TYR A 42 6.82 -8.79 8.03
N GLY A 43 6.44 -8.91 9.31
CA GLY A 43 6.34 -10.22 9.97
C GLY A 43 4.92 -10.76 10.09
N ASP A 44 3.97 -10.22 9.31
CA ASP A 44 2.55 -10.63 9.40
C ASP A 44 2.20 -11.83 8.49
N LEU A 45 3.03 -12.18 7.50
CA LEU A 45 2.81 -13.37 6.62
C LEU A 45 3.57 -14.59 7.14
N GLY A 46 3.00 -15.79 6.95
CA GLY A 46 3.66 -17.09 7.26
C GLY A 46 5.04 -17.16 6.65
N CYS A 47 5.21 -16.80 5.38
CA CYS A 47 6.51 -16.98 4.69
C CYS A 47 7.55 -15.97 5.20
N TYR A 48 7.16 -14.95 5.97
CA TYR A 48 8.08 -13.97 6.62
C TYR A 48 8.21 -14.29 8.11
N GLY A 49 7.66 -15.42 8.56
CA GLY A 49 7.86 -15.94 9.93
C GLY A 49 6.67 -15.79 10.85
N GLN A 50 5.54 -15.26 10.39
CA GLN A 50 4.36 -15.11 11.29
C GLN A 50 3.98 -16.49 11.82
N PRO A 51 3.85 -16.66 13.14
CA PRO A 51 3.51 -17.97 13.68
C PRO A 51 2.03 -18.29 13.89
N PHE A 52 1.17 -17.29 13.89
CA PHE A 52 -0.22 -17.45 14.39
C PHE A 52 -1.27 -17.35 13.30
N ILE A 53 -0.89 -16.93 12.12
CA ILE A 53 -1.86 -16.63 11.02
C ILE A 53 -1.52 -17.53 9.84
N ARG A 54 -2.54 -18.21 9.30
CA ARG A 54 -2.39 -19.02 8.08
C ARG A 54 -2.42 -18.09 6.85
N THR A 55 -1.39 -18.15 6.02
CA THR A 55 -1.34 -17.42 4.75
C THR A 55 -0.89 -18.40 3.67
N PRO A 56 -1.63 -19.50 3.43
CA PRO A 56 -1.17 -20.53 2.50
C PRO A 56 -1.01 -20.07 1.06
N HIS A 57 -1.86 -19.17 0.58
CA HIS A 57 -1.84 -18.78 -0.87
C HIS A 57 -0.63 -17.88 -1.11
N LEU A 58 -0.35 -16.95 -0.21
CA LEU A 58 0.80 -16.04 -0.37
C LEU A 58 2.08 -16.84 -0.13
N ASP A 59 2.04 -17.81 0.80
CA ASP A 59 3.23 -18.67 1.05
C ASP A 59 3.51 -19.49 -0.21
N ALA A 60 2.47 -20.00 -0.87
CA ALA A 60 2.66 -20.79 -2.11
C ALA A 60 3.14 -19.88 -3.23
N MET A 61 2.61 -18.65 -3.31
CA MET A 61 3.06 -17.63 -4.27
C MET A 61 4.58 -17.43 -4.10
N ALA A 62 5.03 -17.25 -2.86
CA ALA A 62 6.46 -17.09 -2.58
C ALA A 62 7.22 -18.33 -3.05
N SER A 63 6.70 -19.53 -2.77
N SER A 63 6.72 -19.53 -2.78
CA SER A 63 7.37 -20.81 -3.14
CA SER A 63 7.41 -20.80 -3.14
C SER A 63 7.61 -20.83 -4.64
C SER A 63 7.56 -20.92 -4.66
N GLU A 64 6.70 -20.24 -5.42
CA GLU A 64 6.75 -20.23 -6.91
C GLU A 64 7.33 -18.94 -7.45
N GLY A 65 7.87 -18.11 -6.57
CA GLY A 65 8.31 -16.76 -6.95
C GLY A 65 9.45 -16.30 -6.08
N MET A 66 9.52 -14.99 -5.94
CA MET A 66 10.69 -14.30 -5.37
C MET A 66 10.21 -13.47 -4.19
N ARG A 67 10.77 -13.74 -3.01
CA ARG A 67 10.41 -13.09 -1.74
C ARG A 67 11.49 -12.06 -1.41
N PHE A 68 11.16 -10.77 -1.43
CA PHE A 68 12.13 -9.68 -1.18
C PHE A 68 12.26 -9.45 0.32
N THR A 69 13.50 -9.34 0.78
CA THR A 69 13.80 -9.23 2.23
C THR A 69 14.11 -7.81 2.67
N GLN A 70 14.43 -6.91 1.74
CA GLN A 70 14.85 -5.50 2.04
C GLN A 70 14.13 -4.58 1.07
N ALA A 71 12.82 -4.80 0.92
CA ALA A 71 11.95 -3.91 0.14
C ALA A 71 11.17 -3.01 1.08
N TYR A 72 11.03 -1.76 0.67
CA TYR A 72 10.48 -0.68 1.52
C TYR A 72 9.29 0.02 0.85
N ALA A 73 8.37 0.40 1.71
CA ALA A 73 7.25 1.34 1.44
C ALA A 73 7.82 2.69 0.98
N GLY A 74 6.99 3.53 0.38
CA GLY A 74 7.37 4.92 0.09
C GLY A 74 7.42 5.77 1.35
N SER A 75 6.77 5.31 2.41
CA SER A 75 6.51 6.11 3.63
C SER A 75 6.03 5.18 4.73
N PRO A 76 6.18 5.58 6.02
CA PRO A 76 5.60 4.80 7.10
C PRO A 76 4.10 4.99 7.31
N VAL A 77 3.42 5.74 6.41
N VAL A 77 3.46 5.75 6.41
CA VAL A 77 1.93 5.88 6.42
CA VAL A 77 1.99 5.90 6.45
C VAL A 77 1.37 5.74 4.99
C VAL A 77 1.43 5.97 5.03
N SER A 78 0.05 5.61 4.91
N SER A 78 0.13 5.68 4.96
CA SER A 78 -0.67 5.17 3.69
CA SER A 78 -0.63 5.23 3.77
C SER A 78 -0.54 6.15 2.53
C SER A 78 -0.43 6.19 2.58
N ALA A 79 -1.04 7.38 2.65
CA ALA A 79 -1.20 8.27 1.48
C ALA A 79 0.14 8.53 0.79
N PRO A 80 1.21 8.94 1.51
CA PRO A 80 2.50 9.17 0.85
C PRO A 80 3.17 7.89 0.32
N SER A 81 2.97 6.76 0.97
CA SER A 81 3.54 5.47 0.52
C SER A 81 2.92 5.17 -0.86
N ARG A 82 1.61 5.28 -0.97
CA ARG A 82 0.88 5.05 -2.25
C ARG A 82 1.27 6.14 -3.27
N ALA A 83 1.45 7.38 -2.83
CA ALA A 83 1.85 8.48 -3.71
C ALA A 83 3.24 8.17 -4.30
N SER A 84 4.15 7.69 -3.46
CA SER A 84 5.52 7.35 -3.88
C SER A 84 5.47 6.28 -4.97
N PHE A 85 4.68 5.24 -4.76
CA PHE A 85 4.46 4.16 -5.76
C PHE A 85 3.92 4.80 -7.06
N MET A 86 2.89 5.63 -6.97
CA MET A 86 2.23 6.20 -8.19
C MET A 86 3.19 7.14 -8.94
N THR A 87 4.00 7.93 -8.25
CA THR A 87 4.78 9.05 -8.85
C THR A 87 6.23 8.67 -9.18
N GLY A 88 6.74 7.58 -8.62
CA GLY A 88 8.18 7.27 -8.74
C GLY A 88 9.05 8.30 -8.02
N GLN A 89 8.56 8.89 -6.93
CA GLN A 89 9.27 9.95 -6.16
C GLN A 89 9.36 9.51 -4.70
N HIS A 90 10.49 9.83 -4.05
CA HIS A 90 10.60 9.67 -2.60
C HIS A 90 9.90 10.88 -1.93
N THR A 91 9.68 10.78 -0.63
CA THR A 91 8.90 11.78 0.15
C THR A 91 9.71 13.03 0.45
N GLY A 92 10.97 13.12 0.02
CA GLY A 92 11.69 14.40 0.02
C GLY A 92 11.27 15.27 -1.15
N HIS A 93 10.60 14.69 -2.15
CA HIS A 93 10.17 15.40 -3.38
C HIS A 93 8.65 15.38 -3.59
N CYS A 94 7.97 14.33 -3.14
CA CYS A 94 6.58 14.03 -3.55
C CYS A 94 5.63 15.12 -3.03
N GLU A 95 4.62 15.46 -3.82
CA GLU A 95 3.55 16.43 -3.44
C GLU A 95 2.87 15.94 -2.16
N VAL A 96 2.67 14.62 -2.05
CA VAL A 96 1.99 13.96 -0.90
C VAL A 96 3.07 13.35 -0.02
N ARG A 97 3.17 13.83 1.23
CA ARG A 97 4.19 13.33 2.20
C ARG A 97 3.53 12.94 3.52
N GLY A 98 2.20 12.98 3.56
CA GLY A 98 1.45 12.71 4.80
C GLY A 98 -0.01 12.50 4.48
N ASN A 99 -0.79 12.23 5.52
CA ASN A 99 -2.25 12.07 5.42
C ASN A 99 -2.87 13.45 5.65
N LYS A 100 -3.49 14.04 4.61
CA LYS A 100 -4.14 15.37 4.74
C LYS A 100 -5.59 15.24 4.31
N GLU A 101 -6.51 15.61 5.17
CA GLU A 101 -7.96 15.37 5.00
C GLU A 101 -8.61 16.60 4.38
N TYR A 102 -9.52 16.36 3.42
CA TYR A 102 -10.28 17.43 2.72
C TYR A 102 -11.78 17.29 3.03
N TRP A 103 -12.16 16.39 3.94
CA TRP A 103 -13.59 16.11 4.25
C TRP A 103 -14.02 16.80 5.56
N THR A 104 -13.06 17.25 6.39
CA THR A 104 -13.28 17.78 7.77
C THR A 104 -14.42 18.78 7.79
N ASN A 105 -14.46 19.71 6.84
CA ASN A 105 -15.46 20.82 6.82
C ASN A 105 -16.45 20.62 5.67
N ALA A 106 -16.56 19.42 5.10
CA ALA A 106 -17.46 19.15 3.97
C ALA A 106 -18.90 19.24 4.46
N PRO A 107 -19.85 19.69 3.62
CA PRO A 107 -21.26 19.57 3.96
C PRO A 107 -21.63 18.10 4.17
N THR A 108 -22.74 17.92 4.88
CA THR A 108 -23.38 16.65 5.29
C THR A 108 -24.45 16.28 4.24
N VAL A 109 -24.52 15.01 3.87
CA VAL A 109 -25.65 14.40 3.13
C VAL A 109 -26.18 13.28 4.03
N MET A 110 -27.47 12.97 3.95
CA MET A 110 -28.08 11.91 4.78
C MET A 110 -28.18 10.63 3.92
N TYR A 111 -27.74 9.51 4.47
CA TYR A 111 -28.03 8.15 3.96
C TYR A 111 -28.91 7.48 5.00
N GLY A 112 -30.22 7.39 4.73
CA GLY A 112 -31.19 7.02 5.77
C GLY A 112 -31.05 7.98 6.95
N ASN A 113 -30.87 7.47 8.16
CA ASN A 113 -30.68 8.32 9.37
C ASN A 113 -29.20 8.65 9.60
N ASN A 114 -28.30 8.32 8.66
CA ASN A 114 -26.84 8.42 8.85
C ASN A 114 -26.33 9.72 8.21
N LYS A 115 -25.73 10.60 9.01
CA LYS A 115 -25.04 11.81 8.50
C LYS A 115 -23.71 11.35 7.89
N GLU A 116 -23.42 11.83 6.69
CA GLU A 116 -22.23 11.44 5.92
C GLU A 116 -21.64 12.68 5.24
N TYR A 117 -20.33 12.67 5.01
CA TYR A 117 -19.63 13.76 4.31
C TYR A 117 -20.02 13.73 2.83
N ALA A 118 -20.27 14.92 2.27
CA ALA A 118 -20.72 15.09 0.87
C ALA A 118 -19.51 15.13 -0.07
N VAL A 119 -18.30 15.32 0.49
CA VAL A 119 -17.02 15.28 -0.26
C VAL A 119 -16.04 14.53 0.63
N VAL A 120 -15.41 13.48 0.11
CA VAL A 120 -14.42 12.67 0.89
C VAL A 120 -13.07 12.63 0.17
N GLY A 121 -12.02 12.46 0.97
CA GLY A 121 -10.70 12.10 0.47
C GLY A 121 -9.57 12.99 0.95
N GLN A 122 -8.43 12.76 0.33
CA GLN A 122 -7.11 13.23 0.81
C GLN A 122 -6.50 14.23 -0.21
N HIS A 123 -5.31 14.73 0.10
CA HIS A 123 -4.58 15.69 -0.73
C HIS A 123 -4.37 15.10 -2.12
N PRO A 124 -4.65 15.86 -3.19
CA PRO A 124 -4.44 15.35 -4.55
C PRO A 124 -2.98 15.27 -5.01
N TYR A 125 -2.69 14.21 -5.76
CA TYR A 125 -1.44 14.08 -6.54
C TYR A 125 -1.30 15.35 -7.39
N ASP A 126 -0.05 15.81 -7.54
CA ASP A 126 0.28 16.92 -8.46
C ASP A 126 -0.26 16.58 -9.85
N PRO A 127 -1.16 17.40 -10.44
CA PRO A 127 -1.67 17.12 -11.79
C PRO A 127 -0.61 17.26 -12.89
N ASP A 128 0.56 17.85 -12.59
CA ASP A 128 1.59 18.15 -13.60
C ASP A 128 2.75 17.15 -13.48
N HIS A 129 2.61 16.10 -12.67
CA HIS A 129 3.60 14.99 -12.59
C HIS A 129 2.91 13.66 -12.91
N VAL A 130 3.50 12.91 -13.84
CA VAL A 130 2.93 11.64 -14.37
C VAL A 130 2.74 10.64 -13.22
N ILE A 131 1.71 9.81 -13.29
CA ILE A 131 1.62 8.63 -12.40
C ILE A 131 1.62 7.34 -13.23
N LEU A 132 1.92 6.23 -12.58
CA LEU A 132 2.18 4.94 -13.24
C LEU A 132 1.02 4.57 -14.19
N PRO A 133 -0.27 4.64 -13.79
CA PRO A 133 -1.35 4.22 -14.68
C PRO A 133 -1.34 4.99 -16.00
N GLU A 134 -0.92 6.25 -16.00
CA GLU A 134 -0.88 7.08 -17.23
C GLU A 134 0.19 6.54 -18.17
N ILE A 135 1.32 6.11 -17.61
CA ILE A 135 2.38 5.47 -18.45
C ILE A 135 1.80 4.19 -19.08
N MET A 136 1.09 3.38 -18.30
N MET A 136 1.11 3.38 -18.28
CA MET A 136 0.54 2.09 -18.79
CA MET A 136 0.50 2.11 -18.75
C MET A 136 -0.52 2.38 -19.87
C MET A 136 -0.48 2.42 -19.88
N LYS A 137 -1.31 3.45 -19.71
CA LYS A 137 -2.29 3.88 -20.73
C LYS A 137 -1.55 4.26 -22.02
N GLU A 138 -0.41 4.96 -21.92
CA GLU A 138 0.34 5.42 -23.11
C GLU A 138 0.95 4.20 -23.83
N ASN A 139 1.11 3.07 -23.13
CA ASN A 139 1.72 1.81 -23.63
C ASN A 139 0.63 0.83 -24.10
N GLY A 140 -0.61 1.30 -24.23
CA GLY A 140 -1.75 0.54 -24.80
C GLY A 140 -2.39 -0.43 -23.82
N TYR A 141 -2.10 -0.28 -22.51
CA TYR A 141 -2.70 -1.10 -21.43
C TYR A 141 -4.12 -0.59 -21.18
N THR A 142 -4.98 -1.51 -20.73
CA THR A 142 -6.22 -1.15 -20.01
C THR A 142 -5.88 -1.23 -18.52
N THR A 143 -6.41 -0.28 -17.75
CA THR A 143 -6.07 -0.08 -16.33
C THR A 143 -7.28 -0.31 -15.43
N GLY A 144 -7.07 -1.06 -14.36
CA GLY A 144 -8.06 -1.29 -13.29
C GLY A 144 -7.48 -0.95 -11.93
N MET A 145 -8.31 -0.45 -11.04
CA MET A 145 -7.90 -0.23 -9.64
C MET A 145 -9.11 -0.48 -8.76
N PHE A 146 -8.94 -1.39 -7.80
CA PHE A 146 -10.00 -1.91 -6.92
C PHE A 146 -9.50 -1.75 -5.49
N GLY A 147 -10.13 -0.83 -4.78
CA GLY A 147 -9.85 -0.60 -3.36
C GLY A 147 -9.63 0.87 -3.09
N LYS A 148 -8.66 1.15 -2.22
CA LYS A 148 -8.43 2.49 -1.67
C LYS A 148 -7.67 3.33 -2.69
N TRP A 149 -8.17 4.53 -2.98
CA TRP A 149 -7.50 5.50 -3.88
C TRP A 149 -6.51 6.34 -3.05
N ALA A 150 -7.02 7.18 -2.16
CA ALA A 150 -6.18 7.96 -1.21
C ALA A 150 -5.26 8.94 -1.95
N GLY A 151 -5.55 9.28 -3.21
CA GLY A 151 -4.71 10.19 -4.02
C GLY A 151 -5.40 11.45 -4.47
N GLY A 152 -6.53 11.78 -3.86
CA GLY A 152 -7.23 13.04 -4.12
C GLY A 152 -8.70 12.88 -3.83
N TYR A 153 -9.30 13.95 -3.32
CA TYR A 153 -10.70 13.94 -2.87
C TYR A 153 -11.61 14.01 -4.10
N GLU A 154 -12.87 13.62 -3.89
CA GLU A 154 -13.93 13.68 -4.94
C GLU A 154 -14.00 15.09 -5.54
N GLY A 155 -13.92 15.20 -6.87
CA GLY A 155 -13.97 16.49 -7.58
C GLY A 155 -12.62 17.19 -7.65
N SER A 156 -11.56 16.62 -7.08
CA SER A 156 -10.18 17.17 -7.15
C SER A 156 -9.58 16.92 -8.54
N CYS A 157 -8.40 17.46 -8.79
CA CYS A 157 -7.65 17.24 -10.05
C CYS A 157 -7.07 15.82 -10.13
N SER A 158 -7.11 15.05 -9.04
N SER A 158 -7.14 15.09 -9.00
CA SER A 158 -6.46 13.70 -9.03
CA SER A 158 -6.52 13.74 -8.85
C SER A 158 -7.41 12.65 -8.44
C SER A 158 -7.55 12.73 -8.34
N THR A 159 -8.41 12.27 -9.24
CA THR A 159 -9.29 11.10 -9.04
C THR A 159 -8.97 10.11 -10.14
N PRO A 160 -9.29 8.81 -9.94
CA PRO A 160 -8.84 7.75 -10.85
C PRO A 160 -9.21 7.96 -12.33
N ASP A 161 -10.38 8.52 -12.55
CA ASP A 161 -10.90 8.87 -13.89
C ASP A 161 -9.96 9.84 -14.61
N LYS A 162 -9.41 10.80 -13.87
CA LYS A 162 -8.57 11.90 -14.42
C LYS A 162 -7.12 11.42 -14.57
N ARG A 163 -6.74 10.32 -13.91
CA ARG A 163 -5.31 9.94 -13.76
C ARG A 163 -5.08 8.53 -14.28
N GLY A 164 -5.74 8.14 -15.38
CA GLY A 164 -5.30 6.97 -16.17
C GLY A 164 -5.88 5.65 -15.71
N ILE A 165 -6.97 5.65 -14.93
CA ILE A 165 -7.67 4.41 -14.53
C ILE A 165 -8.99 4.29 -15.32
N ASP A 166 -9.11 3.20 -16.08
CA ASP A 166 -10.31 2.91 -16.92
C ASP A 166 -11.45 2.37 -16.05
N GLU A 167 -11.14 1.52 -15.08
CA GLU A 167 -12.13 0.85 -14.20
C GLU A 167 -11.64 0.99 -12.76
N TYR A 168 -12.38 1.78 -11.98
CA TYR A 168 -12.14 2.00 -10.55
C TYR A 168 -13.37 1.57 -9.75
N PHE A 169 -13.14 0.88 -8.64
CA PHE A 169 -14.20 0.63 -7.63
C PHE A 169 -13.55 0.52 -6.26
N GLY A 170 -14.06 1.27 -5.28
CA GLY A 170 -13.57 1.15 -3.89
C GLY A 170 -13.76 2.44 -3.13
N TYR A 171 -12.81 2.74 -2.25
CA TYR A 171 -12.90 3.94 -1.38
C TYR A 171 -12.01 5.03 -1.94
N ILE A 172 -12.57 6.14 -2.38
CA ILE A 172 -11.76 7.34 -2.73
C ILE A 172 -10.99 7.74 -1.47
N CYS A 173 -11.63 7.65 -0.30
CA CYS A 173 -11.15 8.26 0.96
C CYS A 173 -10.66 7.21 1.94
N GLN A 174 -9.45 7.44 2.47
CA GLN A 174 -8.82 6.56 3.50
C GLN A 174 -9.62 6.56 4.80
N PHE A 175 -10.29 7.67 5.12
CA PHE A 175 -11.07 7.77 6.38
C PHE A 175 -12.36 6.94 6.21
N GLN A 176 -13.01 7.08 5.06
CA GLN A 176 -14.22 6.27 4.74
C GLN A 176 -13.90 4.77 4.88
N ALA A 177 -12.70 4.37 4.46
CA ALA A 177 -12.24 2.96 4.43
C ALA A 177 -12.17 2.35 5.85
N HIS A 178 -12.22 3.18 6.91
CA HIS A 178 -12.24 2.68 8.30
C HIS A 178 -13.45 1.77 8.55
N LEU A 179 -14.57 2.06 7.90
CA LEU A 179 -15.77 1.19 8.02
C LEU A 179 -15.73 0.16 6.91
N TYR A 180 -15.70 -1.12 7.29
CA TYR A 180 -15.87 -2.24 6.33
C TYR A 180 -17.32 -2.36 5.90
N TYR A 181 -18.26 -1.68 6.55
CA TYR A 181 -19.70 -1.71 6.17
C TYR A 181 -20.14 -0.28 5.99
N PRO A 182 -19.64 0.40 4.93
CA PRO A 182 -19.84 1.83 4.79
C PRO A 182 -21.22 2.17 4.20
N ASN A 183 -21.52 3.46 4.18
CA ASN A 183 -22.76 4.01 3.58
C ASN A 183 -22.71 3.91 2.05
N PHE A 184 -21.53 4.04 1.45
CA PHE A 184 -21.35 4.08 -0.01
C PHE A 184 -19.93 3.66 -0.33
N LEU A 185 -19.76 3.21 -1.56
CA LEU A 185 -18.46 3.05 -2.21
C LEU A 185 -18.42 3.97 -3.41
N ASN A 186 -17.24 4.09 -4.01
CA ASN A 186 -17.01 4.96 -5.19
C ASN A 186 -16.75 4.07 -6.41
N ARG A 187 -17.17 4.57 -7.56
CA ARG A 187 -16.95 3.85 -8.84
C ARG A 187 -16.62 4.87 -9.92
N TYR A 188 -15.67 4.52 -10.78
CA TYR A 188 -15.59 5.09 -12.14
C TYR A 188 -15.43 3.92 -13.12
N SER A 189 -16.44 3.69 -13.94
CA SER A 189 -16.41 2.57 -14.90
C SER A 189 -16.61 3.12 -16.30
N LYS A 190 -15.55 3.09 -17.08
CA LYS A 190 -15.62 3.36 -18.54
C LYS A 190 -16.71 2.48 -19.16
N ALA A 191 -16.77 1.21 -18.73
CA ALA A 191 -17.68 0.21 -19.32
C ALA A 191 -19.13 0.62 -19.09
N LEU A 192 -19.46 1.23 -17.96
CA LEU A 192 -20.83 1.69 -17.63
C LEU A 192 -21.09 3.11 -18.15
N GLY A 193 -20.11 3.77 -18.77
CA GLY A 193 -20.24 5.17 -19.26
C GLY A 193 -20.36 6.20 -18.15
N ASP A 194 -19.78 5.94 -17.00
CA ASP A 194 -19.66 6.99 -15.94
C ASP A 194 -18.92 8.20 -16.54
N THR A 195 -19.34 9.42 -16.20
CA THR A 195 -18.71 10.67 -16.70
C THR A 195 -17.58 11.08 -15.75
N GLY A 196 -17.55 10.46 -14.57
CA GLY A 196 -16.56 10.75 -13.52
C GLY A 196 -16.78 9.80 -12.37
N VAL A 197 -16.12 10.01 -11.24
CA VAL A 197 -16.37 9.15 -10.06
C VAL A 197 -17.80 9.42 -9.59
N VAL A 198 -18.50 8.34 -9.27
CA VAL A 198 -19.85 8.41 -8.65
C VAL A 198 -19.81 7.67 -7.32
N ARG A 199 -20.90 7.81 -6.56
CA ARG A 199 -21.12 7.02 -5.33
C ARG A 199 -22.12 5.92 -5.62
N VAL A 200 -21.80 4.74 -5.15
CA VAL A 200 -22.68 3.54 -5.13
C VAL A 200 -23.12 3.35 -3.70
N ILE A 201 -24.39 3.65 -3.42
CA ILE A 201 -24.96 3.55 -2.06
C ILE A 201 -25.04 2.07 -1.69
N MET A 202 -24.64 1.76 -0.46
CA MET A 202 -24.82 0.43 0.15
C MET A 202 -26.25 0.42 0.72
N ASP A 203 -27.21 0.02 -0.12
N ASP A 203 -27.21 0.05 -0.15
CA ASP A 203 -28.66 0.27 0.12
CA ASP A 203 -28.67 0.22 0.07
C ASP A 203 -29.15 -0.50 1.35
C ASP A 203 -29.08 -0.44 1.39
N GLU A 204 -28.51 -1.61 1.71
CA GLU A 204 -28.85 -2.36 2.96
C GLU A 204 -28.11 -1.72 4.14
N ASN A 205 -26.81 -1.41 4.00
CA ASN A 205 -26.02 -0.86 5.13
C ASN A 205 -26.67 0.42 5.71
N ILE A 206 -27.19 1.32 4.87
CA ILE A 206 -27.65 2.66 5.33
C ILE A 206 -28.93 2.53 6.17
N LYS A 207 -29.54 1.34 6.24
CA LYS A 207 -30.73 1.09 7.09
C LYS A 207 -30.33 1.08 8.56
N TYR A 208 -29.03 0.95 8.85
CA TYR A 208 -28.51 0.72 10.22
C TYR A 208 -27.53 1.82 10.58
N PRO A 209 -27.23 2.01 11.88
CA PRO A 209 -26.25 3.00 12.30
C PRO A 209 -24.83 2.64 11.87
N MET A 210 -23.95 3.63 11.95
CA MET A 210 -22.51 3.55 11.60
C MET A 210 -21.67 3.13 12.80
N TYR A 211 -22.27 3.00 13.95
CA TYR A 211 -21.55 2.76 15.23
C TYR A 211 -22.53 2.15 16.24
N GLY A 212 -22.04 1.30 17.13
CA GLY A 212 -22.82 0.71 18.24
C GLY A 212 -23.34 -0.68 17.90
N ALA A 213 -24.24 -1.18 18.75
CA ALA A 213 -24.75 -2.57 18.76
C ALA A 213 -25.36 -2.99 17.41
N ASP A 214 -25.94 -2.06 16.66
CA ASP A 214 -26.68 -2.41 15.42
C ASP A 214 -25.80 -2.28 14.18
N TYR A 215 -24.57 -1.82 14.33
CA TYR A 215 -23.62 -1.70 13.20
C TYR A 215 -23.45 -3.04 12.51
N GLN A 216 -23.33 -4.14 13.28
CA GLN A 216 -23.05 -5.45 12.64
C GLN A 216 -24.31 -6.04 11.98
N LYS A 217 -25.45 -5.35 12.03
CA LYS A 217 -26.62 -5.71 11.20
C LYS A 217 -26.31 -5.34 9.75
N ARG A 218 -25.41 -4.41 9.49
CA ARG A 218 -25.03 -4.05 8.09
C ARG A 218 -24.49 -5.30 7.39
N PRO A 219 -25.09 -5.72 6.25
CA PRO A 219 -24.67 -6.95 5.58
C PRO A 219 -23.73 -6.77 4.36
N GLN A 220 -23.48 -5.55 3.90
CA GLN A 220 -22.68 -5.29 2.67
C GLN A 220 -21.22 -5.03 3.08
N TYR A 221 -20.41 -6.08 3.04
CA TYR A 221 -19.00 -6.08 3.49
C TYR A 221 -18.11 -5.62 2.33
N SER A 222 -17.40 -4.50 2.49
CA SER A 222 -16.68 -3.82 1.40
C SER A 222 -15.56 -4.71 0.83
N ALA A 223 -14.85 -5.47 1.66
CA ALA A 223 -13.63 -6.18 1.17
C ALA A 223 -14.10 -7.26 0.20
N ASP A 224 -15.23 -7.92 0.48
CA ASP A 224 -15.82 -8.94 -0.43
C ASP A 224 -16.30 -8.25 -1.71
N MET A 225 -17.00 -7.11 -1.56
N MET A 225 -16.98 -7.10 -1.57
CA MET A 225 -17.62 -6.44 -2.72
CA MET A 225 -17.65 -6.44 -2.71
C MET A 225 -16.52 -5.94 -3.65
C MET A 225 -16.60 -5.80 -3.63
N ILE A 226 -15.47 -5.34 -3.07
CA ILE A 226 -14.37 -4.76 -3.89
C ILE A 226 -13.62 -5.90 -4.59
N HIS A 227 -13.36 -7.01 -3.89
CA HIS A 227 -12.68 -8.17 -4.53
C HIS A 227 -13.58 -8.70 -5.64
N GLN A 228 -14.88 -8.81 -5.40
CA GLN A 228 -15.83 -9.32 -6.42
C GLN A 228 -15.74 -8.42 -7.66
N LYS A 229 -15.70 -7.10 -7.49
CA LYS A 229 -15.58 -6.17 -8.66
C LYS A 229 -14.23 -6.36 -9.37
N ALA A 230 -13.15 -6.54 -8.63
CA ALA A 230 -11.82 -6.78 -9.22
C ALA A 230 -11.87 -8.07 -10.07
N MET A 231 -12.50 -9.12 -9.54
N MET A 231 -12.51 -9.12 -9.53
CA MET A 231 -12.57 -10.46 -10.19
CA MET A 231 -12.58 -10.47 -10.15
C MET A 231 -13.47 -10.35 -11.43
C MET A 231 -13.50 -10.41 -11.38
N GLU A 232 -14.55 -9.59 -11.35
CA GLU A 232 -15.40 -9.37 -12.56
C GLU A 232 -14.56 -8.69 -13.66
N TRP A 233 -13.76 -7.69 -13.30
CA TRP A 233 -12.85 -6.96 -14.22
C TRP A 233 -11.79 -7.93 -14.80
N LEU A 234 -11.18 -8.75 -13.96
CA LEU A 234 -10.14 -9.70 -14.43
C LEU A 234 -10.81 -10.68 -15.42
N ASP A 235 -12.04 -11.12 -15.13
N ASP A 235 -12.05 -11.09 -15.16
CA ASP A 235 -12.86 -12.03 -15.97
CA ASP A 235 -12.78 -12.08 -15.99
C ASP A 235 -12.96 -11.49 -17.40
C ASP A 235 -13.06 -11.50 -17.38
N GLU A 236 -13.07 -10.16 -17.54
CA GLU A 236 -13.31 -9.50 -18.88
C GLU A 236 -12.02 -9.45 -19.70
N GLN A 237 -10.87 -9.74 -19.11
CA GLN A 237 -9.55 -9.62 -19.79
C GLN A 237 -9.31 -10.87 -20.65
N ASP A 238 -8.56 -10.71 -21.74
CA ASP A 238 -8.08 -11.84 -22.57
C ASP A 238 -6.63 -11.58 -23.01
N GLY A 239 -6.08 -12.49 -23.82
CA GLY A 239 -4.69 -12.44 -24.29
C GLY A 239 -4.40 -11.23 -25.16
N LYS A 240 -5.42 -10.54 -25.67
CA LYS A 240 -5.25 -9.47 -26.68
C LYS A 240 -4.59 -8.26 -26.00
N GLN A 241 -5.38 -7.49 -25.24
CA GLN A 241 -4.93 -6.16 -24.78
C GLN A 241 -4.30 -6.39 -23.40
N PRO A 242 -3.08 -5.88 -23.19
CA PRO A 242 -2.44 -6.02 -21.90
C PRO A 242 -3.21 -5.23 -20.83
N PHE A 243 -3.27 -5.79 -19.59
CA PHE A 243 -3.96 -5.16 -18.45
C PHE A 243 -2.98 -4.88 -17.31
N PHE A 244 -3.24 -3.75 -16.66
CA PHE A 244 -2.52 -3.26 -15.47
C PHE A 244 -3.58 -3.03 -14.37
N GLY A 245 -3.52 -3.90 -13.35
CA GLY A 245 -4.47 -3.87 -12.22
C GLY A 245 -3.76 -3.54 -10.94
N VAL A 246 -4.32 -2.59 -10.20
CA VAL A 246 -3.86 -2.21 -8.85
C VAL A 246 -4.96 -2.61 -7.87
N LEU A 247 -4.71 -3.66 -7.09
CA LEU A 247 -5.71 -4.17 -6.11
C LEU A 247 -5.30 -3.65 -4.75
N THR A 248 -5.78 -2.46 -4.39
CA THR A 248 -5.46 -1.77 -3.12
C THR A 248 -6.52 -2.17 -2.09
N TYR A 249 -6.56 -3.44 -1.76
CA TYR A 249 -7.52 -3.99 -0.77
C TYR A 249 -7.17 -3.36 0.59
N THR A 250 -8.18 -3.04 1.36
CA THR A 250 -7.99 -2.29 2.62
C THR A 250 -7.56 -3.24 3.76
N LEU A 251 -7.72 -4.55 3.62
CA LEU A 251 -7.27 -5.49 4.68
C LEU A 251 -5.76 -5.38 4.87
N PRO A 252 -5.19 -5.56 6.09
CA PRO A 252 -5.88 -5.68 7.38
C PRO A 252 -5.98 -4.39 8.17
N HIS A 253 -6.19 -3.26 7.50
CA HIS A 253 -6.40 -1.95 8.15
C HIS A 253 -7.67 -2.02 9.02
N ALA A 254 -7.60 -1.39 10.20
CA ALA A 254 -8.78 -1.19 11.05
C ALA A 254 -9.91 -0.50 10.29
N GLU A 255 -11.16 -0.64 10.74
CA GLU A 255 -11.63 -1.36 11.92
C GLU A 255 -11.48 -2.89 11.82
N LEU A 256 -11.50 -3.56 12.95
CA LEU A 256 -11.33 -5.05 13.00
C LEU A 256 -12.72 -5.70 13.01
N VAL A 257 -13.46 -5.48 11.93
CA VAL A 257 -14.85 -6.02 11.79
C VAL A 257 -14.95 -6.66 10.41
N GLN A 258 -15.56 -7.84 10.39
CA GLN A 258 -15.63 -8.67 9.17
C GLN A 258 -16.80 -9.64 9.32
N PRO A 259 -17.10 -10.41 8.26
CA PRO A 259 -18.17 -11.40 8.36
C PRO A 259 -17.88 -12.44 9.47
N GLU A 260 -18.91 -12.81 10.23
CA GLU A 260 -18.75 -13.77 11.36
C GLU A 260 -18.91 -15.16 10.75
N ASP A 261 -17.87 -15.62 10.07
CA ASP A 261 -17.90 -16.82 9.22
C ASP A 261 -16.82 -17.80 9.68
N SER A 262 -16.56 -18.82 8.88
CA SER A 262 -15.70 -19.96 9.23
C SER A 262 -14.27 -19.47 9.41
N ILE A 263 -13.84 -18.44 8.66
CA ILE A 263 -12.47 -17.87 8.83
C ILE A 263 -12.36 -17.27 10.22
N LEU A 264 -13.28 -16.39 10.58
CA LEU A 264 -13.24 -15.75 11.90
C LEU A 264 -13.32 -16.82 13.00
N ASN A 265 -14.26 -17.77 12.87
CA ASN A 265 -14.51 -18.77 13.93
C ASN A 265 -13.32 -19.71 14.11
N GLU A 266 -12.57 -20.00 13.04
CA GLU A 266 -11.32 -20.78 13.15
C GLU A 266 -10.42 -20.12 14.21
N TYR A 267 -10.27 -18.79 14.13
CA TYR A 267 -9.35 -18.05 15.01
C TYR A 267 -9.98 -17.76 16.38
N LYS A 268 -11.30 -17.61 16.48
CA LYS A 268 -11.92 -17.52 17.81
C LYS A 268 -11.67 -18.82 18.55
N GLU A 269 -11.69 -19.97 17.89
CA GLU A 269 -11.42 -21.26 18.55
C GLU A 269 -9.93 -21.31 18.96
N LYS A 270 -9.03 -20.93 18.06
CA LYS A 270 -7.55 -21.04 18.26
C LYS A 270 -7.06 -20.10 19.39
N PHE A 271 -7.49 -18.84 19.38
CA PHE A 271 -6.94 -17.84 20.32
C PHE A 271 -7.76 -17.90 21.59
N ASN A 272 -7.14 -18.13 22.75
CA ASN A 272 -7.90 -18.24 24.04
C ASN A 272 -6.89 -18.11 25.17
N PRO A 273 -7.02 -17.14 26.11
CA PRO A 273 -7.97 -16.05 25.99
C PRO A 273 -7.64 -15.07 24.84
N ASP A 274 -8.53 -14.10 24.63
CA ASP A 274 -8.35 -13.04 23.62
C ASP A 274 -8.71 -11.72 24.30
N LYS A 275 -8.56 -10.63 23.59
CA LYS A 275 -8.83 -9.26 24.07
C LYS A 275 -9.97 -8.66 23.24
N SER A 276 -10.37 -7.46 23.60
CA SER A 276 -11.46 -6.75 22.89
C SER A 276 -11.05 -5.30 22.67
N TYR A 277 -11.90 -4.58 21.96
CA TYR A 277 -11.69 -3.17 21.59
C TYR A 277 -12.96 -2.41 21.89
N LYS A 278 -12.84 -1.34 22.63
CA LYS A 278 -14.01 -0.61 23.15
C LYS A 278 -14.64 0.28 22.09
N GLY A 279 -14.00 0.54 20.96
CA GLY A 279 -14.58 1.41 19.92
C GLY A 279 -14.03 2.82 19.95
N SER A 280 -13.95 3.47 18.78
CA SER A 280 -13.69 4.92 18.63
C SER A 280 -14.60 5.45 17.53
N GLU A 281 -15.73 6.04 17.93
CA GLU A 281 -16.73 6.50 16.93
C GLU A 281 -16.10 7.61 16.08
N GLY A 282 -15.30 8.49 16.69
CA GLY A 282 -14.59 9.58 15.98
C GLY A 282 -13.63 9.04 14.95
N SER A 283 -13.13 7.83 15.13
CA SER A 283 -12.18 7.19 14.20
C SER A 283 -12.90 6.29 13.20
N ARG A 284 -14.22 6.14 13.33
CA ARG A 284 -15.01 5.13 12.57
C ARG A 284 -14.35 3.76 12.76
N TYR A 285 -13.94 3.43 14.00
CA TYR A 285 -13.56 2.05 14.34
C TYR A 285 -14.59 1.46 15.30
N ASN A 286 -15.39 0.53 14.82
CA ASN A 286 -16.43 -0.05 15.71
C ASN A 286 -15.77 -0.85 16.83
N ALA A 287 -16.44 -0.89 17.97
CA ALA A 287 -16.15 -1.85 19.06
C ALA A 287 -16.24 -3.27 18.51
N ILE A 288 -15.38 -4.13 19.02
CA ILE A 288 -15.40 -5.56 18.61
C ILE A 288 -14.75 -6.38 19.70
N THR A 289 -15.10 -7.64 19.72
CA THR A 289 -14.49 -8.61 20.63
C THR A 289 -13.55 -9.61 19.89
N HIS A 290 -12.69 -10.32 20.68
CA HIS A 290 -11.75 -11.33 20.12
C HIS A 290 -10.83 -10.71 19.06
N VAL A 291 -10.08 -9.64 19.44
CA VAL A 291 -9.28 -8.83 18.45
C VAL A 291 -8.14 -9.66 17.84
N HIS A 292 -7.54 -10.62 18.54
CA HIS A 292 -6.52 -11.51 17.92
C HIS A 292 -7.22 -12.29 16.78
N ALA A 293 -8.40 -12.85 17.07
CA ALA A 293 -9.14 -13.61 16.05
C ALA A 293 -9.50 -12.68 14.88
N GLN A 294 -9.95 -11.46 15.14
CA GLN A 294 -10.37 -10.54 14.05
C GLN A 294 -9.17 -10.29 13.14
N PHE A 295 -8.02 -9.94 13.70
CA PHE A 295 -6.87 -9.54 12.88
C PHE A 295 -6.38 -10.74 12.06
N ALA A 296 -6.26 -11.91 12.69
CA ALA A 296 -5.80 -13.14 11.99
C ALA A 296 -6.80 -13.42 10.86
N GLY A 297 -8.07 -13.29 11.17
CA GLY A 297 -9.11 -13.56 10.16
C GLY A 297 -8.98 -12.63 8.97
N MET A 298 -8.72 -11.35 9.21
CA MET A 298 -8.57 -10.35 8.13
C MET A 298 -7.41 -10.73 7.20
N ILE A 299 -6.28 -11.16 7.77
CA ILE A 299 -5.12 -11.53 6.92
C ILE A 299 -5.41 -12.85 6.19
N THR A 300 -5.98 -13.86 6.83
CA THR A 300 -6.32 -15.13 6.14
C THR A 300 -7.35 -14.84 5.04
N ARG A 301 -8.31 -13.96 5.30
CA ARG A 301 -9.30 -13.54 4.28
C ARG A 301 -8.59 -12.94 3.06
N LEU A 302 -7.68 -12.00 3.28
CA LEU A 302 -6.91 -11.36 2.21
C LEU A 302 -6.13 -12.43 1.46
N ASP A 303 -5.49 -13.34 2.18
CA ASP A 303 -4.70 -14.44 1.57
C ASP A 303 -5.63 -15.24 0.62
N TYR A 304 -6.87 -15.51 1.05
CA TYR A 304 -7.84 -16.29 0.25
C TYR A 304 -8.16 -15.50 -1.02
N TYR A 305 -8.29 -14.17 -0.91
CA TYR A 305 -8.52 -13.31 -2.09
C TYR A 305 -7.36 -13.45 -3.06
N VAL A 306 -6.14 -13.48 -2.54
CA VAL A 306 -4.96 -13.59 -3.44
C VAL A 306 -5.04 -14.94 -4.16
N GLY A 307 -5.35 -16.02 -3.44
CA GLY A 307 -5.51 -17.35 -4.03
C GLY A 307 -6.54 -17.32 -5.15
N GLU A 308 -7.64 -16.59 -4.97
CA GLU A 308 -8.69 -16.50 -6.03
C GLU A 308 -8.14 -15.76 -7.26
N VAL A 309 -7.38 -14.69 -7.08
CA VAL A 309 -6.75 -13.95 -8.22
C VAL A 309 -5.86 -14.91 -9.01
N LEU A 310 -4.97 -15.61 -8.31
CA LEU A 310 -3.99 -16.51 -8.98
C LEU A 310 -4.73 -17.64 -9.71
N LYS A 311 -5.79 -18.18 -9.10
CA LYS A 311 -6.58 -19.28 -9.67
C LYS A 311 -7.24 -18.77 -10.96
N LYS A 312 -7.75 -17.55 -10.96
CA LYS A 312 -8.44 -16.95 -12.12
C LYS A 312 -7.45 -16.81 -13.29
N LEU A 313 -6.23 -16.31 -13.03
CA LEU A 313 -5.20 -16.15 -14.09
C LEU A 313 -4.93 -17.51 -14.75
N LYS A 314 -4.84 -18.57 -13.94
CA LYS A 314 -4.60 -19.94 -14.47
C LYS A 314 -5.80 -20.35 -15.29
N GLU A 315 -7.00 -20.16 -14.77
CA GLU A 315 -8.23 -20.61 -15.47
C GLU A 315 -8.34 -19.94 -16.85
N LYS A 316 -7.89 -18.70 -16.99
CA LYS A 316 -7.98 -17.89 -18.23
C LYS A 316 -6.74 -18.04 -19.12
N GLY A 317 -5.78 -18.89 -18.76
CA GLY A 317 -4.56 -19.11 -19.57
C GLY A 317 -3.68 -17.86 -19.61
N LEU A 318 -3.73 -17.02 -18.56
CA LEU A 318 -2.98 -15.73 -18.47
C LEU A 318 -1.80 -15.84 -17.51
N ASP A 319 -1.57 -16.98 -16.87
CA ASP A 319 -0.53 -17.09 -15.80
C ASP A 319 0.86 -16.78 -16.37
N GLU A 320 1.22 -17.34 -17.53
CA GLU A 320 2.61 -17.24 -18.03
C GLU A 320 2.89 -15.83 -18.54
N ASN A 321 1.87 -15.02 -18.82
CA ASN A 321 2.09 -13.64 -19.33
C ASN A 321 1.68 -12.59 -18.30
N THR A 322 1.54 -12.95 -17.02
CA THR A 322 1.15 -11.98 -15.96
C THR A 322 2.17 -12.02 -14.83
N LEU A 323 2.69 -10.83 -14.55
CA LEU A 323 3.50 -10.58 -13.34
C LEU A 323 2.54 -10.17 -12.22
N VAL A 324 2.56 -10.91 -11.11
CA VAL A 324 1.80 -10.55 -9.89
C VAL A 324 2.79 -10.22 -8.79
N ILE A 325 2.53 -9.09 -8.13
CA ILE A 325 3.31 -8.63 -6.97
C ILE A 325 2.33 -8.38 -5.85
N PHE A 326 2.68 -8.92 -4.68
CA PHE A 326 1.93 -8.66 -3.43
C PHE A 326 2.82 -7.81 -2.54
N SER A 327 2.26 -6.76 -1.96
CA SER A 327 3.00 -5.95 -0.97
C SER A 327 2.01 -5.28 -0.04
N SER A 328 2.56 -4.46 0.86
CA SER A 328 1.82 -3.71 1.89
C SER A 328 2.29 -2.24 1.84
N ASP A 329 1.42 -1.28 2.11
CA ASP A 329 1.80 0.14 1.93
C ASP A 329 2.67 0.66 3.08
N ASN A 330 2.67 0.00 4.24
CA ASN A 330 3.49 0.47 5.40
C ASN A 330 3.49 -0.63 6.46
N GLY A 331 4.19 -0.37 7.57
CA GLY A 331 4.37 -1.36 8.64
C GLY A 331 3.09 -1.60 9.43
N PRO A 332 3.19 -2.52 10.43
CA PRO A 332 2.02 -3.02 11.13
C PRO A 332 1.41 -1.93 12.01
N HIS A 333 0.15 -2.11 12.32
CA HIS A 333 -0.64 -1.06 13.02
C HIS A 333 -1.11 -1.53 14.40
N GLU A 334 -1.57 -0.55 15.19
CA GLU A 334 -2.10 -0.84 16.56
C GLU A 334 -3.46 -0.16 16.72
N GLU A 335 -4.24 -0.12 15.65
CA GLU A 335 -5.55 0.58 15.62
C GLU A 335 -6.68 -0.44 15.68
N GLY A 336 -7.81 -0.01 16.23
CA GLY A 336 -9.08 -0.78 16.16
C GLY A 336 -9.00 -2.10 16.91
N GLY A 337 -8.02 -2.28 17.82
CA GLY A 337 -7.83 -3.54 18.54
C GLY A 337 -6.64 -4.35 18.06
N ALA A 338 -5.96 -3.92 16.99
CA ALA A 338 -4.75 -4.61 16.52
C ALA A 338 -3.75 -4.69 17.69
N ASP A 339 -3.07 -5.82 17.79
CA ASP A 339 -2.11 -6.13 18.88
C ASP A 339 -0.77 -6.59 18.28
N PRO A 340 0.00 -5.66 17.67
CA PRO A 340 1.25 -6.01 17.00
C PRO A 340 2.27 -6.60 17.98
N THR A 341 2.19 -6.27 19.26
CA THR A 341 3.08 -6.94 20.24
C THR A 341 2.81 -8.45 20.24
N PHE A 342 1.54 -8.85 20.26
CA PHE A 342 1.14 -10.28 20.26
C PHE A 342 1.63 -10.94 18.96
N PHE A 343 1.30 -10.33 17.83
CA PHE A 343 1.57 -10.95 16.51
C PHE A 343 3.07 -10.84 16.18
N GLY A 344 3.79 -9.98 16.89
CA GLY A 344 5.21 -9.66 16.61
C GLY A 344 6.17 -10.52 17.43
N ARG A 345 5.67 -11.54 18.14
CA ARG A 345 6.47 -12.38 19.06
C ARG A 345 7.80 -12.80 18.41
N ASP A 346 7.79 -13.24 17.17
CA ASP A 346 9.00 -13.83 16.52
C ASP A 346 9.65 -12.82 15.58
N GLY A 347 9.14 -11.60 15.50
CA GLY A 347 9.59 -10.58 14.55
C GLY A 347 10.95 -10.02 14.92
N LYS A 348 11.63 -9.45 13.93
CA LYS A 348 13.03 -8.97 14.06
C LYS A 348 13.12 -7.45 14.03
N LEU A 349 12.10 -6.75 13.54
CA LEU A 349 12.20 -5.30 13.25
C LEU A 349 11.48 -4.50 14.32
N ARG A 350 12.06 -3.37 14.62
CA ARG A 350 11.50 -2.42 15.60
C ARG A 350 10.50 -1.52 14.92
N GLY A 351 9.37 -1.29 15.60
CA GLY A 351 8.50 -0.15 15.28
C GLY A 351 7.30 -0.52 14.45
N LEU A 352 6.39 0.42 14.43
CA LEU A 352 5.09 0.31 13.78
C LEU A 352 5.00 1.36 12.68
N LYS A 353 3.93 1.21 11.89
CA LYS A 353 3.32 2.31 11.12
C LYS A 353 3.58 3.65 11.84
N ARG A 354 3.97 4.67 11.08
CA ARG A 354 4.30 6.09 11.47
C ARG A 354 5.75 6.26 11.92
N GLN A 355 6.51 5.18 12.09
CA GLN A 355 7.94 5.25 12.45
C GLN A 355 8.82 4.97 11.23
N CYS A 356 9.96 5.66 11.14
CA CYS A 356 11.01 5.46 10.12
C CYS A 356 12.02 4.40 10.60
N TYR A 357 11.83 3.84 11.81
CA TYR A 357 12.43 2.53 12.19
C TYR A 357 12.02 1.48 11.14
N GLU A 358 12.81 0.43 11.01
CA GLU A 358 12.61 -0.61 9.97
C GLU A 358 11.19 -1.15 10.01
N GLY A 359 10.59 -1.32 11.18
CA GLY A 359 9.27 -1.94 11.23
C GLY A 359 8.18 -1.05 10.63
N GLY A 360 8.39 0.27 10.53
CA GLY A 360 7.38 1.17 9.92
C GLY A 360 7.45 1.14 8.42
N ILE A 361 8.61 0.82 7.84
CA ILE A 361 8.86 1.08 6.39
C ILE A 361 9.23 -0.19 5.63
N ARG A 362 9.76 -1.23 6.27
CA ARG A 362 10.14 -2.46 5.53
C ARG A 362 8.92 -3.35 5.45
N ILE A 363 8.57 -3.80 4.23
CA ILE A 363 7.26 -4.47 4.00
C ILE A 363 7.42 -5.79 3.27
N PRO A 364 6.42 -6.69 3.35
CA PRO A 364 6.44 -7.90 2.54
C PRO A 364 6.34 -7.45 1.09
N PHE A 365 7.01 -8.20 0.24
CA PHE A 365 7.05 -7.91 -1.20
C PHE A 365 7.36 -9.23 -1.92
N ILE A 366 6.35 -9.79 -2.57
CA ILE A 366 6.46 -11.12 -3.21
C ILE A 366 6.09 -10.96 -4.69
N ALA A 367 6.97 -11.41 -5.56
CA ALA A 367 6.72 -11.40 -7.03
C ALA A 367 6.62 -12.82 -7.56
N ARG A 368 5.69 -13.01 -8.49
CA ARG A 368 5.55 -14.32 -9.18
C ARG A 368 5.21 -14.05 -10.64
N TRP A 369 5.97 -14.69 -11.52
CA TRP A 369 5.73 -14.60 -12.98
C TRP A 369 6.36 -15.85 -13.56
N PRO A 370 5.56 -16.95 -13.69
CA PRO A 370 6.11 -18.25 -14.03
C PRO A 370 6.92 -18.19 -15.33
N GLY A 371 8.17 -18.65 -15.22
CA GLY A 371 9.09 -18.76 -16.36
C GLY A 371 9.90 -17.49 -16.57
N ARG A 372 9.67 -16.44 -15.77
CA ARG A 372 10.42 -15.17 -15.90
C ARG A 372 11.08 -14.80 -14.57
N VAL A 373 10.30 -14.81 -13.49
CA VAL A 373 10.85 -14.60 -12.14
C VAL A 373 11.24 -15.95 -11.57
N PRO A 374 12.53 -16.15 -11.21
CA PRO A 374 12.96 -17.43 -10.68
C PRO A 374 12.21 -17.84 -9.42
N ALA A 375 11.73 -19.10 -9.44
CA ALA A 375 10.85 -19.66 -8.39
C ALA A 375 11.65 -20.02 -7.15
N GLY A 376 11.06 -19.78 -5.98
CA GLY A 376 11.59 -20.23 -4.69
C GLY A 376 12.85 -19.48 -4.29
N THR A 377 12.93 -18.22 -4.68
CA THR A 377 14.10 -17.37 -4.41
C THR A 377 13.79 -16.34 -3.32
N VAL A 378 14.87 -15.90 -2.68
CA VAL A 378 14.85 -14.70 -1.81
C VAL A 378 15.74 -13.68 -2.50
N ASN A 379 15.35 -12.42 -2.42
CA ASN A 379 16.08 -11.31 -3.07
C ASN A 379 16.33 -10.26 -1.99
N ASP A 380 17.59 -9.93 -1.76
CA ASP A 380 17.96 -8.94 -0.72
C ASP A 380 18.14 -7.55 -1.31
N HIS A 381 17.82 -7.32 -2.58
CA HIS A 381 18.03 -6.01 -3.24
C HIS A 381 17.33 -4.93 -2.44
N ILE A 382 18.08 -3.90 -2.04
CA ILE A 382 17.54 -2.73 -1.31
C ILE A 382 16.75 -1.88 -2.31
N CYS A 383 15.45 -1.74 -2.12
CA CYS A 383 14.57 -1.01 -3.05
C CYS A 383 13.34 -0.48 -2.30
N ALA A 384 12.64 0.45 -2.94
CA ALA A 384 11.49 1.13 -2.31
C ALA A 384 10.41 1.30 -3.37
N PHE A 385 9.22 1.66 -2.94
CA PHE A 385 8.08 1.79 -3.86
C PHE A 385 8.34 2.79 -5.00
N TYR A 386 9.17 3.81 -4.82
CA TYR A 386 9.43 4.80 -5.90
C TYR A 386 10.27 4.16 -7.03
N ASP A 387 10.77 2.93 -6.82
CA ASP A 387 11.50 2.14 -7.84
C ASP A 387 10.50 1.41 -8.77
N LEU A 388 9.23 1.31 -8.38
CA LEU A 388 8.27 0.49 -9.16
C LEU A 388 8.03 1.13 -10.52
N MET A 389 7.99 2.46 -10.61
CA MET A 389 7.75 3.16 -11.88
C MET A 389 8.83 2.79 -12.90
N PRO A 390 10.16 2.99 -12.65
CA PRO A 390 11.17 2.57 -13.63
C PRO A 390 11.21 1.05 -13.85
N THR A 391 10.89 0.26 -12.82
CA THR A 391 10.88 -1.23 -12.89
C THR A 391 9.83 -1.63 -13.94
N PHE A 392 8.62 -1.10 -13.81
CA PHE A 392 7.51 -1.45 -14.72
C PHE A 392 7.85 -0.94 -16.12
N CYS A 393 8.40 0.26 -16.21
CA CYS A 393 8.77 0.85 -17.51
C CYS A 393 9.76 -0.09 -18.18
N GLU A 394 10.72 -0.62 -17.44
CA GLU A 394 11.72 -1.52 -18.06
C GLU A 394 11.01 -2.80 -18.56
N ILE A 395 10.11 -3.34 -17.75
CA ILE A 395 9.42 -4.63 -18.04
C ILE A 395 8.56 -4.47 -19.30
N ILE A 396 7.92 -3.32 -19.48
CA ILE A 396 7.00 -3.11 -20.64
C ILE A 396 7.77 -2.57 -21.85
N GLY A 397 9.09 -2.41 -21.74
CA GLY A 397 9.95 -1.98 -22.86
C GLY A 397 9.80 -0.50 -23.15
N GLU A 398 9.36 0.26 -22.16
CA GLU A 398 9.25 1.74 -22.26
C GLU A 398 10.63 2.30 -21.94
N LYS A 399 11.40 2.64 -22.96
CA LYS A 399 12.79 3.14 -22.75
C LYS A 399 12.72 4.66 -22.53
N ASN A 400 13.75 5.16 -21.85
CA ASN A 400 13.96 6.59 -21.51
C ASN A 400 12.66 7.21 -21.02
N TYR A 401 12.06 6.60 -20.00
CA TYR A 401 10.75 7.03 -19.47
C TYR A 401 10.88 8.45 -18.90
N VAL A 402 12.01 8.83 -18.31
CA VAL A 402 12.13 10.19 -17.70
C VAL A 402 12.07 11.25 -18.80
N LYS A 403 12.83 11.10 -19.88
CA LYS A 403 12.80 12.04 -21.04
C LYS A 403 11.38 12.11 -21.62
N LYS A 404 10.68 10.98 -21.67
CA LYS A 404 9.33 10.92 -22.28
C LYS A 404 8.32 11.62 -21.37
N TYR A 405 8.34 11.36 -20.07
CA TYR A 405 7.20 11.71 -19.18
C TYR A 405 7.49 12.93 -18.29
N ALA A 406 8.76 13.33 -18.16
CA ALA A 406 9.12 14.53 -17.36
C ALA A 406 8.36 15.74 -17.89
N ASN A 407 7.87 16.57 -16.98
CA ASN A 407 7.17 17.83 -17.32
C ASN A 407 8.23 18.90 -17.61
N LYS A 408 8.27 19.38 -18.86
CA LYS A 408 9.26 20.37 -19.35
C LYS A 408 8.95 21.75 -18.73
N ASP A 409 7.71 21.97 -18.28
CA ASP A 409 7.22 23.28 -17.75
C ASP A 409 7.68 23.48 -16.30
N LYS A 410 8.12 22.41 -15.62
CA LYS A 410 8.64 22.50 -14.22
C LYS A 410 10.10 22.95 -14.24
N GLU A 411 10.50 23.73 -13.23
CA GLU A 411 11.92 24.02 -12.90
C GLU A 411 12.68 22.69 -12.91
N VAL A 412 12.18 21.70 -12.18
CA VAL A 412 12.77 20.34 -12.09
C VAL A 412 11.61 19.36 -11.80
N ASP A 413 11.57 18.24 -12.52
CA ASP A 413 10.55 17.19 -12.29
C ASP A 413 11.29 15.96 -11.75
N TYR A 414 11.13 15.68 -10.46
CA TYR A 414 11.92 14.64 -9.78
C TYR A 414 11.41 13.25 -10.13
N PHE A 415 12.35 12.36 -10.44
CA PHE A 415 12.17 10.89 -10.56
C PHE A 415 13.29 10.24 -9.76
N ASP A 416 12.95 9.51 -8.69
CA ASP A 416 13.92 9.03 -7.69
C ASP A 416 14.20 7.53 -7.77
N GLY A 417 13.54 6.80 -8.67
CA GLY A 417 13.60 5.33 -8.66
C GLY A 417 14.74 4.78 -9.49
N ILE A 418 15.13 3.55 -9.16
CA ILE A 418 16.05 2.69 -9.95
C ILE A 418 15.32 1.39 -10.27
N SER A 419 15.19 1.06 -11.56
CA SER A 419 14.58 -0.22 -11.97
C SER A 419 15.26 -1.38 -11.25
N PHE A 420 14.48 -2.31 -10.71
CA PHE A 420 15.00 -3.61 -10.23
C PHE A 420 14.44 -4.75 -11.08
N ALA A 421 14.08 -4.44 -12.32
CA ALA A 421 13.67 -5.47 -13.31
C ALA A 421 14.80 -6.50 -13.46
N PRO A 422 16.10 -6.12 -13.53
CA PRO A 422 17.16 -7.13 -13.71
C PRO A 422 17.18 -8.20 -12.60
N THR A 423 17.15 -7.78 -11.33
CA THR A 423 17.24 -8.73 -10.18
C THR A 423 15.92 -9.50 -10.07
N LEU A 424 14.82 -8.87 -10.46
CA LEU A 424 13.47 -9.53 -10.46
C LEU A 424 13.50 -10.70 -11.44
N LEU A 425 14.27 -10.55 -12.53
CA LEU A 425 14.28 -11.55 -13.62
C LEU A 425 15.56 -12.40 -13.52
N GLY A 426 16.27 -12.27 -12.38
CA GLY A 426 17.39 -13.10 -11.87
C GLY A 426 18.71 -12.76 -12.53
N LYS A 427 18.78 -11.63 -13.25
CA LYS A 427 19.81 -11.37 -14.29
C LYS A 427 20.69 -10.18 -13.93
N LYS A 428 21.52 -9.76 -14.90
CA LYS A 428 22.73 -8.92 -14.68
C LYS A 428 22.42 -7.43 -14.91
N LYS A 429 23.40 -6.59 -14.54
CA LYS A 429 23.34 -5.10 -14.58
C LYS A 429 22.27 -4.60 -13.59
N GLN A 430 22.19 -5.19 -12.40
CA GLN A 430 21.32 -4.60 -11.32
C GLN A 430 22.05 -3.44 -10.63
N LYS A 431 21.60 -2.21 -10.91
CA LYS A 431 22.09 -0.96 -10.30
C LYS A 431 21.63 -0.88 -8.83
N GLU A 432 22.43 -0.23 -8.01
CA GLU A 432 22.17 -0.07 -6.56
C GLU A 432 21.92 1.39 -6.23
N HIS A 433 21.02 1.62 -5.29
CA HIS A 433 20.84 2.94 -4.66
C HIS A 433 22.07 3.27 -3.83
N ASP A 434 22.53 4.52 -3.91
CA ASP A 434 23.45 5.10 -2.90
C ASP A 434 22.71 5.20 -1.56
N PHE A 435 21.42 5.48 -1.60
CA PHE A 435 20.60 5.68 -0.38
C PHE A 435 19.13 5.37 -0.72
N LEU A 436 18.37 5.04 0.31
CA LEU A 436 16.91 5.22 0.33
C LEU A 436 16.57 6.34 1.34
N TYR A 437 15.42 6.99 1.15
CA TYR A 437 15.06 8.24 1.83
C TYR A 437 13.57 8.23 2.16
N TRP A 438 13.24 8.60 3.41
CA TRP A 438 11.85 8.80 3.88
C TRP A 438 11.80 10.00 4.81
N GLU A 439 10.68 10.73 4.82
CA GLU A 439 10.44 11.78 5.82
C GLU A 439 8.97 11.72 6.17
N PHE A 440 8.63 12.07 7.40
CA PHE A 440 7.24 11.92 7.86
C PHE A 440 6.91 12.92 8.97
N ASN A 441 5.91 13.74 8.71
CA ASN A 441 5.58 14.89 9.59
C ASN A 441 5.08 14.42 10.96
N GLU A 442 4.21 13.41 11.08
CA GLU A 442 3.44 13.28 12.36
C GLU A 442 4.41 12.92 13.49
N THR A 443 5.40 12.06 13.24
CA THR A 443 6.42 11.67 14.25
C THR A 443 7.67 12.53 14.08
N ASN A 444 7.67 13.44 13.11
CA ASN A 444 8.79 14.38 12.83
C ASN A 444 10.09 13.59 12.66
N GLN A 445 10.09 12.68 11.68
CA GLN A 445 11.20 11.73 11.46
C GLN A 445 11.69 11.83 10.03
N ILE A 446 12.98 11.59 9.88
CA ILE A 446 13.64 11.39 8.57
C ILE A 446 14.43 10.08 8.66
N GLY A 447 14.30 9.24 7.64
CA GLY A 447 15.01 7.97 7.56
C GLY A 447 15.92 7.96 6.35
N VAL A 448 17.14 7.46 6.53
CA VAL A 448 18.08 7.22 5.42
C VAL A 448 18.66 5.84 5.60
N ARG A 449 18.67 5.06 4.52
CA ARG A 449 19.42 3.78 4.54
C ARG A 449 20.53 3.86 3.48
N MET A 450 21.78 3.68 3.92
CA MET A 450 22.98 3.57 3.05
C MET A 450 23.70 2.26 3.38
N GLY A 451 23.35 1.22 2.63
CA GLY A 451 23.86 -0.14 2.85
C GLY A 451 23.51 -0.62 4.24
N ASP A 452 24.52 -0.98 5.02
CA ASP A 452 24.30 -1.53 6.39
C ASP A 452 23.88 -0.40 7.35
N TRP A 453 24.10 0.86 6.97
CA TRP A 453 23.89 2.04 7.85
C TRP A 453 22.47 2.59 7.70
N LYS A 454 21.85 2.84 8.85
CA LYS A 454 20.44 3.31 8.93
C LYS A 454 20.39 4.51 9.89
N MET A 455 19.97 5.66 9.38
CA MET A 455 19.74 6.87 10.19
C MET A 455 18.24 7.05 10.39
N VAL A 456 17.86 7.28 11.64
CA VAL A 456 16.52 7.81 12.02
C VAL A 456 16.76 9.16 12.69
N VAL A 457 16.32 10.23 12.05
CA VAL A 457 16.33 11.58 12.63
C VAL A 457 15.00 11.74 13.36
N LYS A 458 15.04 12.12 14.64
CA LYS A 458 13.82 12.30 15.47
C LYS A 458 13.87 13.73 15.96
N LYS A 459 12.91 14.57 15.53
CA LYS A 459 12.85 15.99 15.98
C LYS A 459 14.22 16.64 15.74
N GLY A 460 14.83 16.35 14.58
CA GLY A 460 16.05 17.02 14.08
C GLY A 460 17.32 16.39 14.65
N ILE A 461 17.19 15.37 15.52
CA ILE A 461 18.34 14.70 16.19
C ILE A 461 18.65 13.37 15.52
N PRO A 462 19.85 13.20 14.92
CA PRO A 462 20.18 11.91 14.30
C PRO A 462 20.50 10.79 15.31
N PHE A 463 19.92 9.63 15.02
CA PHE A 463 20.22 8.32 15.65
C PHE A 463 20.76 7.44 14.54
N LEU A 464 21.79 6.67 14.83
CA LEU A 464 22.46 5.85 13.80
C LEU A 464 22.50 4.39 14.26
N TYR A 465 22.15 3.49 13.35
CA TYR A 465 22.12 2.03 13.61
C TYR A 465 22.83 1.31 12.47
N ASN A 466 23.45 0.19 12.84
CA ASN A 466 24.01 -0.78 11.88
C ASN A 466 23.04 -1.96 11.80
N LEU A 467 22.43 -2.14 10.62
CA LEU A 467 21.39 -3.18 10.48
C LEU A 467 22.03 -4.58 10.42
N ALA A 468 23.33 -4.70 10.15
CA ALA A 468 24.00 -6.02 10.16
C ALA A 468 24.21 -6.46 11.62
N THR A 469 24.65 -5.58 12.50
CA THR A 469 24.93 -5.98 13.90
C THR A 469 23.72 -5.68 14.78
N ASP A 470 22.75 -4.92 14.30
CA ASP A 470 21.66 -4.41 15.17
C ASP A 470 20.36 -4.24 14.36
N ILE A 471 19.83 -5.34 13.83
CA ILE A 471 18.64 -5.32 12.94
C ILE A 471 17.46 -4.65 13.65
N HIS A 472 17.36 -4.77 14.98
CA HIS A 472 16.25 -4.24 15.80
C HIS A 472 16.49 -2.78 16.18
N GLU A 473 17.57 -2.13 15.72
CA GLU A 473 17.81 -0.67 15.92
C GLU A 473 17.70 -0.36 17.43
N ASP A 474 18.38 -1.17 18.24
CA ASP A 474 18.47 -1.03 19.73
C ASP A 474 19.61 -0.10 20.16
N ASN A 475 20.67 0.00 19.37
N ASN A 475 20.69 -0.02 19.39
CA ASN A 475 21.99 0.55 19.81
CA ASN A 475 21.99 0.55 19.84
C ASN A 475 22.36 1.76 18.95
C ASN A 475 22.35 1.74 18.95
N ASN A 476 22.00 2.94 19.41
CA ASN A 476 22.35 4.20 18.72
C ASN A 476 23.88 4.38 18.78
N VAL A 477 24.53 4.37 17.62
CA VAL A 477 26.02 4.47 17.56
C VAL A 477 26.44 5.74 16.81
N ALA A 478 25.57 6.76 16.72
CA ALA A 478 25.90 8.06 16.10
C ALA A 478 27.23 8.60 16.66
N ASP A 479 27.41 8.51 17.99
CA ASP A 479 28.60 9.08 18.67
C ASP A 479 29.89 8.41 18.15
N GLN A 480 29.83 7.14 17.79
CA GLN A 480 31.02 6.35 17.37
C GLN A 480 31.30 6.58 15.88
N HIS A 481 30.41 7.22 15.12
CA HIS A 481 30.57 7.33 13.64
C HIS A 481 30.18 8.73 13.15
N PRO A 482 30.84 9.80 13.64
CA PRO A 482 30.47 11.16 13.24
C PRO A 482 30.55 11.38 11.71
N GLU A 483 31.52 10.76 11.03
CA GLU A 483 31.72 10.92 9.56
C GLU A 483 30.55 10.29 8.81
N ILE A 484 30.07 9.13 9.27
CA ILE A 484 28.88 8.44 8.69
C ILE A 484 27.67 9.35 8.93
N VAL A 485 27.51 9.87 10.15
CA VAL A 485 26.37 10.79 10.42
C VAL A 485 26.40 11.97 9.44
N GLU A 486 27.56 12.60 9.21
CA GLU A 486 27.63 13.77 8.30
C GLU A 486 27.32 13.34 6.85
N LYS A 487 27.77 12.16 6.41
CA LYS A 487 27.56 11.69 5.03
C LYS A 487 26.05 11.49 4.84
N MET A 488 25.38 10.94 5.84
CA MET A 488 23.94 10.62 5.72
C MET A 488 23.11 11.91 5.85
N LYS A 489 23.55 12.87 6.67
CA LYS A 489 22.89 14.20 6.73
C LYS A 489 23.05 14.91 5.39
N ALA A 490 24.21 14.78 4.73
CA ALA A 490 24.46 15.38 3.40
C ALA A 490 23.38 14.90 2.44
N VAL A 491 23.01 13.63 2.55
CA VAL A 491 21.93 13.04 1.71
C VAL A 491 20.60 13.77 2.02
N ILE A 492 20.29 13.96 3.30
CA ILE A 492 19.03 14.62 3.71
C ILE A 492 19.02 16.02 3.08
N PHE A 493 20.11 16.78 3.23
CA PHE A 493 20.16 18.19 2.75
C PHE A 493 19.97 18.24 1.23
N ALA A 494 20.48 17.23 0.52
CA ALA A 494 20.42 17.16 -0.95
C ALA A 494 19.03 16.69 -1.44
N GLN A 495 18.34 15.86 -0.66
CA GLN A 495 17.13 15.11 -1.13
C GLN A 495 15.84 15.77 -0.63
N HIS A 496 15.90 16.50 0.47
CA HIS A 496 14.70 17.19 1.00
C HIS A 496 14.46 18.50 0.26
N THR A 497 13.29 18.67 -0.36
CA THR A 497 12.83 19.97 -0.90
C THR A 497 11.61 20.41 -0.08
N PRO A 498 11.38 21.73 0.08
CA PRO A 498 10.25 22.21 0.87
C PRO A 498 8.91 21.80 0.25
N ASN A 499 7.97 21.53 1.14
CA ASN A 499 6.57 21.23 0.80
C ASN A 499 5.74 21.98 1.82
N PRO A 500 4.84 22.91 1.43
CA PRO A 500 4.16 23.75 2.41
C PRO A 500 3.09 23.01 3.22
N HIS A 501 2.70 21.81 2.81
CA HIS A 501 1.63 21.01 3.45
C HIS A 501 2.18 20.05 4.51
N PHE A 502 3.44 19.62 4.39
CA PHE A 502 4.01 18.54 5.24
C PHE A 502 5.42 18.95 5.66
N SER A 503 5.58 19.20 6.97
CA SER A 503 6.82 19.76 7.57
C SER A 503 7.55 18.71 8.38
N VAL A 504 8.87 18.68 8.26
CA VAL A 504 9.77 17.91 9.16
C VAL A 504 10.90 18.84 9.58
N THR A 505 11.47 18.57 10.74
CA THR A 505 12.66 19.26 11.25
C THR A 505 13.91 18.61 10.64
N LEU A 506 14.69 19.39 9.90
CA LEU A 506 16.00 18.90 9.39
C LEU A 506 16.99 18.93 10.55
N PRO A 507 17.99 18.04 10.51
CA PRO A 507 19.11 18.12 11.46
C PRO A 507 19.93 19.40 11.23
N GLU A 508 20.66 19.84 12.24
CA GLU A 508 21.51 21.05 12.18
C GLU A 508 22.63 20.82 11.15
N LYS A 509 23.02 21.85 10.40
CA LYS A 509 23.97 21.72 9.25
C LYS A 509 25.41 21.94 9.73
C1 NAG B . -8.49 9.85 14.56
C2 NAG B . -8.39 10.39 13.13
C3 NAG B . -8.33 9.18 12.20
C4 NAG B . -7.05 8.41 12.53
C5 NAG B . -7.02 7.97 14.01
C6 NAG B . -5.66 7.47 14.44
C7 NAG B . -9.22 12.50 12.08
C8 NAG B . -10.30 13.53 12.26
N2 NAG B . -9.44 11.33 12.73
O1 NAG B . -8.65 10.90 15.45
O3 NAG B . -8.33 9.61 10.84
O4 NAG B . -6.93 7.27 11.68
O5 NAG B . -7.32 9.09 14.87
O6 NAG B . -5.71 6.14 14.98
O7 NAG B . -8.27 12.67 11.30
C1 GAL B . -6.15 7.44 10.51
C2 GAL B . -5.49 6.13 10.08
C3 GAL B . -4.77 6.30 8.71
C4 GAL B . -5.66 7.03 7.71
C5 GAL B . -6.23 8.31 8.30
C6 GAL B . -7.16 9.05 7.37
O2 GAL B . -4.59 5.70 11.08
O3 GAL B . -4.36 5.04 8.16
O4 GAL B . -6.74 6.17 7.36
O5 GAL B . -6.98 7.96 9.47
O6 GAL B . -6.47 9.57 6.25
CA CA C . -1.57 1.75 5.27
#